data_5E56
#
_entry.id   5E56
#
_cell.length_a   47.538
_cell.length_b   36.598
_cell.length_c   65.149
_cell.angle_alpha   90.00
_cell.angle_beta   105.13
_cell.angle_gamma   90.00
#
_symmetry.space_group_name_H-M   'C 1 2 1'
#
loop_
_entity.id
_entity.type
_entity.pdbx_description
1 polymer 'Cytotoxic T-lymphocyte protein 4'
2 non-polymer 'SODIUM ION'
3 water water
#
_entity_poly.entity_id   1
_entity_poly.type   'polypeptide(L)'
_entity_poly.pdbx_seq_one_letter_code
;IQVTQPSVVLASSHGVASFPCEYSPSHNTDEVRVTVLRQTNDQMTEVCATTFTEKNTVGFLDYPFCSGTFNESRVNLTIQ
GLRAVDTGLYLCKVELMYPPPYFVGMGNGTQIYVIDP
;
_entity_poly.pdbx_strand_id   A
#
loop_
_chem_comp.id
_chem_comp.type
_chem_comp.name
_chem_comp.formula
NA non-polymer 'SODIUM ION' 'Na 1'
#
# COMPACT_ATOMS: atom_id res chain seq x y z
N ILE A 1 14.65 -3.69 5.66
CA ILE A 1 14.11 -2.92 4.54
C ILE A 1 13.41 -1.64 5.00
N GLN A 2 13.51 -0.59 4.18
CA GLN A 2 12.91 0.71 4.46
C GLN A 2 11.74 0.95 3.51
N VAL A 3 10.62 1.44 4.04
CA VAL A 3 9.44 1.66 3.22
C VAL A 3 9.07 3.14 3.25
N THR A 4 8.82 3.72 2.08
CA THR A 4 8.45 5.13 2.02
C THR A 4 7.23 5.33 1.15
N GLN A 5 6.49 6.39 1.46
CA GLN A 5 5.25 6.72 0.77
C GLN A 5 5.02 8.21 1.00
N PRO A 6 4.23 8.86 0.12
CA PRO A 6 4.04 10.31 0.28
C PRO A 6 3.27 10.64 1.55
N SER A 7 3.45 11.86 2.05
N SER A 7 3.44 11.86 2.05
CA SER A 7 2.84 12.25 3.31
CA SER A 7 2.82 12.22 3.33
C SER A 7 1.32 12.41 3.22
C SER A 7 1.32 12.45 3.25
N VAL A 8 0.85 13.01 2.14
CA VAL A 8 -0.57 13.33 1.98
C VAL A 8 -1.06 13.11 0.55
N VAL A 9 -2.33 12.74 0.43
CA VAL A 9 -3.01 12.66 -0.86
C VAL A 9 -4.44 13.12 -0.67
N LEU A 10 -4.95 13.88 -1.64
CA LEU A 10 -6.35 14.27 -1.66
C LEU A 10 -7.07 13.27 -2.55
N ALA A 11 -8.11 12.63 -2.03
CA ALA A 11 -8.89 11.70 -2.83
C ALA A 11 -9.73 12.49 -3.84
N SER A 12 -10.06 11.85 -4.95
CA SER A 12 -10.88 12.48 -5.97
C SER A 12 -12.33 12.61 -5.50
N SER A 13 -13.13 13.37 -6.25
CA SER A 13 -14.54 13.54 -5.94
C SER A 13 -15.30 12.22 -6.03
N HIS A 14 -14.67 11.22 -6.65
CA HIS A 14 -15.27 9.89 -6.76
C HIS A 14 -14.73 8.90 -5.73
N GLY A 15 -14.03 9.41 -4.70
CA GLY A 15 -13.54 8.56 -3.63
C GLY A 15 -12.41 7.63 -4.02
N VAL A 16 -11.55 8.11 -4.92
CA VAL A 16 -10.39 7.35 -5.37
C VAL A 16 -9.08 8.04 -4.99
N ALA A 17 -8.19 7.30 -4.35
CA ALA A 17 -6.88 7.83 -3.97
C ALA A 17 -5.78 6.92 -4.46
N SER A 18 -4.77 7.48 -5.13
CA SER A 18 -3.60 6.70 -5.56
C SER A 18 -2.31 7.23 -4.97
N PHE A 19 -1.42 6.31 -4.63
CA PHE A 19 -0.11 6.68 -4.11
C PHE A 19 0.84 5.49 -4.23
N PRO A 20 2.15 5.77 -4.34
CA PRO A 20 3.16 4.71 -4.36
C PRO A 20 3.69 4.33 -3.00
N CYS A 21 4.10 3.07 -2.87
N CYS A 21 4.08 3.07 -2.88
CA CYS A 21 4.84 2.60 -1.71
CA CYS A 21 4.81 2.56 -1.73
C CYS A 21 6.11 1.92 -2.17
C CYS A 21 6.11 2.00 -2.28
N GLU A 22 7.23 2.51 -1.80
CA GLU A 22 8.53 2.08 -2.29
C GLU A 22 9.28 1.40 -1.15
N TYR A 23 10.04 0.35 -1.47
CA TYR A 23 10.87 -0.26 -0.45
C TYR A 23 12.29 -0.42 -0.94
N SER A 24 13.21 -0.57 0.01
CA SER A 24 14.61 -0.69 -0.33
C SER A 24 15.32 -1.38 0.83
N PRO A 25 16.40 -2.11 0.54
CA PRO A 25 16.87 -2.40 -0.81
C PRO A 25 15.94 -3.39 -1.50
N SER A 26 16.01 -3.41 -2.83
CA SER A 26 15.12 -4.26 -3.61
C SER A 26 15.83 -4.90 -4.78
N HIS A 27 15.30 -6.06 -5.18
CA HIS A 27 15.76 -6.73 -6.40
C HIS A 27 14.54 -7.15 -7.19
N ASN A 28 14.71 -7.23 -8.51
N ASN A 28 14.68 -7.22 -8.50
CA ASN A 28 13.63 -7.62 -9.41
CA ASN A 28 13.54 -7.59 -9.34
C ASN A 28 13.10 -9.01 -9.10
C ASN A 28 13.05 -9.00 -9.03
N THR A 29 13.89 -9.78 -8.38
CA THR A 29 13.57 -11.16 -8.04
C THR A 29 12.82 -11.35 -6.72
N ASP A 30 12.60 -10.27 -6.00
CA ASP A 30 11.94 -10.35 -4.69
C ASP A 30 10.49 -10.84 -4.80
N GLU A 31 10.05 -11.56 -3.77
CA GLU A 31 8.63 -11.81 -3.59
C GLU A 31 8.20 -11.06 -2.35
N VAL A 32 7.18 -10.23 -2.48
CA VAL A 32 6.80 -9.36 -1.38
C VAL A 32 5.31 -9.39 -1.09
N ARG A 33 4.97 -9.37 0.19
CA ARG A 33 3.59 -9.28 0.61
C ARG A 33 3.33 -7.85 1.09
N VAL A 34 2.35 -7.20 0.48
CA VAL A 34 2.05 -5.81 0.79
C VAL A 34 0.68 -5.72 1.41
N THR A 35 0.61 -5.08 2.56
CA THR A 35 -0.66 -4.87 3.25
C THR A 35 -0.88 -3.39 3.41
N VAL A 36 -2.09 -2.94 3.15
CA VAL A 36 -2.45 -1.55 3.41
C VAL A 36 -3.25 -1.56 4.71
N LEU A 37 -2.81 -0.74 5.67
CA LEU A 37 -3.49 -0.58 6.95
C LEU A 37 -4.03 0.84 7.08
N ARG A 38 -5.13 0.98 7.81
N ARG A 38 -5.13 0.99 7.82
CA ARG A 38 -5.69 2.30 8.09
CA ARG A 38 -5.67 2.31 8.08
C ARG A 38 -5.60 2.62 9.57
C ARG A 38 -5.65 2.65 9.56
N GLN A 39 -5.15 3.83 9.88
CA GLN A 39 -5.11 4.29 11.26
C GLN A 39 -5.92 5.58 11.39
N THR A 40 -6.80 5.60 12.39
CA THR A 40 -7.51 6.83 12.74
C THR A 40 -7.05 7.24 14.13
N ASN A 41 -7.97 7.32 15.08
CA ASN A 41 -7.59 7.71 16.44
C ASN A 41 -7.15 6.51 17.28
N ASP A 42 -7.30 5.31 16.73
CA ASP A 42 -6.93 4.11 17.47
C ASP A 42 -6.08 3.13 16.67
N GLN A 43 -6.48 1.86 16.71
CA GLN A 43 -5.70 0.77 16.13
C GLN A 43 -5.53 0.93 14.63
N MET A 44 -4.56 0.19 14.09
CA MET A 44 -4.38 0.12 12.65
C MET A 44 -5.10 -1.11 12.14
N THR A 45 -6.09 -0.89 11.28
CA THR A 45 -6.86 -2.00 10.74
C THR A 45 -6.42 -2.31 9.32
N GLU A 46 -6.47 -3.60 8.97
CA GLU A 46 -6.09 -4.03 7.65
C GLU A 46 -7.17 -3.69 6.62
N VAL A 47 -6.76 -3.06 5.52
CA VAL A 47 -7.67 -2.69 4.44
C VAL A 47 -7.66 -3.74 3.33
N CYS A 48 -6.46 -4.12 2.89
CA CYS A 48 -6.30 -5.14 1.85
C CYS A 48 -4.86 -5.62 1.87
N ALA A 49 -4.63 -6.79 1.30
CA ALA A 49 -3.28 -7.32 1.23
C ALA A 49 -3.13 -8.19 -0.02
N THR A 50 -1.90 -8.25 -0.54
CA THR A 50 -1.62 -9.07 -1.71
C THR A 50 -0.16 -9.49 -1.74
N THR A 51 0.17 -10.49 -2.54
CA THR A 51 1.56 -10.89 -2.74
C THR A 51 1.95 -10.68 -4.19
N PHE A 52 3.10 -10.04 -4.39
CA PHE A 52 3.66 -9.80 -5.72
C PHE A 52 4.94 -10.61 -5.91
N THR A 53 5.25 -10.94 -7.16
CA THR A 53 6.53 -11.54 -7.52
C THR A 53 7.04 -10.88 -8.80
N GLU A 54 8.18 -11.34 -9.33
CA GLU A 54 8.69 -10.79 -10.58
C GLU A 54 7.68 -10.94 -11.71
N LYS A 55 6.91 -12.04 -11.67
CA LYS A 55 5.98 -12.36 -12.74
C LYS A 55 4.56 -11.91 -12.40
N ASN A 56 4.24 -11.98 -11.12
CA ASN A 56 2.90 -11.65 -10.65
C ASN A 56 2.88 -10.21 -10.17
N THR A 57 2.58 -9.31 -11.10
CA THR A 57 2.76 -7.89 -10.88
C THR A 57 1.46 -7.10 -10.73
N VAL A 58 0.32 -7.76 -10.94
CA VAL A 58 -0.98 -7.10 -10.80
C VAL A 58 -1.71 -7.67 -9.60
N GLY A 59 -1.87 -6.86 -8.56
CA GLY A 59 -2.29 -7.39 -7.28
C GLY A 59 -3.67 -6.99 -6.82
N PHE A 60 -4.03 -7.51 -5.66
CA PHE A 60 -5.30 -7.19 -5.01
C PHE A 60 -6.49 -7.57 -5.90
N LEU A 61 -6.35 -8.62 -6.71
CA LEU A 61 -7.45 -9.02 -7.57
C LEU A 61 -8.68 -9.49 -6.76
N ASP A 62 -8.44 -9.88 -5.51
CA ASP A 62 -9.53 -10.33 -4.64
C ASP A 62 -10.14 -9.24 -3.76
N TYR A 63 -9.72 -7.99 -3.97
CA TYR A 63 -10.34 -6.87 -3.25
C TYR A 63 -10.91 -5.87 -4.24
N PRO A 64 -12.23 -5.63 -4.20
CA PRO A 64 -12.84 -4.70 -5.16
C PRO A 64 -12.39 -3.26 -4.97
N PHE A 65 -11.92 -2.90 -3.78
N PHE A 65 -11.90 -2.94 -3.78
CA PHE A 65 -11.60 -1.50 -3.53
CA PHE A 65 -11.60 -1.56 -3.42
C PHE A 65 -10.11 -1.17 -3.57
C PHE A 65 -10.11 -1.25 -3.28
N CYS A 66 -9.26 -2.19 -3.69
CA CYS A 66 -7.81 -1.95 -3.78
C CYS A 66 -7.30 -2.49 -5.09
N SER A 67 -6.35 -1.76 -5.69
CA SER A 67 -5.66 -2.22 -6.89
C SER A 67 -4.20 -1.85 -6.71
N GLY A 68 -3.33 -2.55 -7.43
CA GLY A 68 -1.92 -2.26 -7.29
C GLY A 68 -1.09 -2.96 -8.33
N THR A 69 -0.09 -2.26 -8.84
CA THR A 69 0.85 -2.89 -9.77
C THR A 69 2.24 -2.72 -9.20
N PHE A 70 3.07 -3.74 -9.43
CA PHE A 70 4.39 -3.82 -8.86
C PHE A 70 5.37 -3.50 -9.97
N ASN A 71 6.12 -2.40 -9.82
CA ASN A 71 7.10 -2.01 -10.82
C ASN A 71 8.44 -1.68 -10.19
N GLU A 72 9.37 -2.62 -10.33
CA GLU A 72 10.70 -2.52 -9.72
C GLU A 72 10.66 -2.42 -8.20
N SER A 73 10.93 -1.22 -7.69
CA SER A 73 11.11 -1.01 -6.26
C SER A 73 9.86 -0.46 -5.60
N ARG A 74 8.74 -0.42 -6.33
CA ARG A 74 7.55 0.17 -5.74
C ARG A 74 6.23 -0.42 -6.20
N VAL A 75 5.23 -0.28 -5.33
CA VAL A 75 3.87 -0.68 -5.66
C VAL A 75 3.07 0.58 -5.87
N ASN A 76 2.40 0.67 -7.00
CA ASN A 76 1.50 1.79 -7.25
C ASN A 76 0.08 1.42 -6.83
N LEU A 77 -0.36 1.99 -5.73
CA LEU A 77 -1.63 1.64 -5.11
C LEU A 77 -2.77 2.57 -5.51
N THR A 78 -3.96 1.99 -5.60
CA THR A 78 -5.18 2.76 -5.76
C THR A 78 -6.22 2.19 -4.80
N ILE A 79 -6.84 3.07 -4.04
CA ILE A 79 -7.92 2.68 -3.15
C ILE A 79 -9.18 3.39 -3.62
N GLN A 80 -10.26 2.62 -3.77
CA GLN A 80 -11.50 3.16 -4.30
C GLN A 80 -12.61 3.03 -3.26
N GLY A 81 -13.75 3.66 -3.54
CA GLY A 81 -14.91 3.54 -2.68
C GLY A 81 -14.82 4.39 -1.42
N LEU A 82 -13.91 5.35 -1.42
CA LEU A 82 -13.66 6.16 -0.23
C LEU A 82 -14.78 7.17 0.06
N ARG A 83 -15.10 7.32 1.34
CA ARG A 83 -16.09 8.30 1.79
C ARG A 83 -15.41 9.18 2.82
N ALA A 84 -16.06 10.28 3.20
CA ALA A 84 -15.47 11.22 4.15
C ALA A 84 -15.02 10.53 5.44
N VAL A 85 -15.79 9.55 5.91
CA VAL A 85 -15.45 8.84 7.13
C VAL A 85 -14.16 8.04 7.00
N ASP A 86 -13.71 7.83 5.76
CA ASP A 86 -12.51 7.04 5.48
C ASP A 86 -11.24 7.86 5.51
N THR A 87 -11.37 9.17 5.75
CA THR A 87 -10.21 10.03 5.96
C THR A 87 -9.36 9.45 7.09
N GLY A 88 -8.05 9.35 6.86
CA GLY A 88 -7.17 8.79 7.86
C GLY A 88 -5.80 8.48 7.28
N LEU A 89 -4.98 7.81 8.08
CA LEU A 89 -3.62 7.51 7.69
C LEU A 89 -3.55 6.11 7.13
N TYR A 90 -3.00 5.98 5.92
CA TYR A 90 -2.93 4.68 5.25
C TYR A 90 -1.49 4.24 5.14
N LEU A 91 -1.15 3.14 5.82
CA LEU A 91 0.23 2.71 5.95
C LEU A 91 0.50 1.48 5.13
N CYS A 92 1.65 1.49 4.44
N CYS A 92 1.71 1.45 4.57
CA CYS A 92 2.07 0.28 3.76
CA CYS A 92 2.14 0.36 3.72
C CYS A 92 2.94 -0.53 4.69
C CYS A 92 3.10 -0.59 4.45
N LYS A 93 2.64 -1.82 4.72
CA LYS A 93 3.49 -2.84 5.34
C LYS A 93 4.03 -3.72 4.21
N VAL A 94 5.34 -3.89 4.16
CA VAL A 94 5.99 -4.70 3.14
C VAL A 94 6.79 -5.81 3.80
N GLU A 95 6.46 -7.05 3.43
CA GLU A 95 7.19 -8.23 3.92
C GLU A 95 7.96 -8.88 2.79
N LEU A 96 9.25 -9.13 3.01
CA LEU A 96 10.05 -9.82 1.99
C LEU A 96 9.88 -11.31 2.24
N MET A 97 9.13 -11.98 1.35
CA MET A 97 8.77 -13.38 1.55
C MET A 97 9.77 -14.34 0.93
N TYR A 98 10.54 -13.86 -0.05
CA TYR A 98 11.58 -14.64 -0.69
C TYR A 98 12.52 -13.63 -1.38
N PRO A 99 13.83 -13.86 -1.33
CA PRO A 99 14.54 -14.98 -0.69
C PRO A 99 14.67 -14.72 0.80
N PRO A 100 14.96 -15.76 1.56
CA PRO A 100 15.28 -15.55 2.97
C PRO A 100 16.61 -14.78 3.12
N PRO A 101 16.84 -14.17 4.29
CA PRO A 101 15.96 -14.14 5.46
C PRO A 101 14.78 -13.19 5.30
N TYR A 102 13.76 -13.43 6.10
CA TYR A 102 12.56 -12.59 6.15
C TYR A 102 12.84 -11.21 6.74
N PHE A 103 12.23 -10.20 6.14
CA PHE A 103 12.22 -8.85 6.67
C PHE A 103 10.83 -8.25 6.55
N VAL A 104 10.50 -7.34 7.46
CA VAL A 104 9.27 -6.58 7.35
C VAL A 104 9.56 -5.12 7.63
N GLY A 105 8.90 -4.25 6.85
CA GLY A 105 9.06 -2.83 7.03
C GLY A 105 7.71 -2.13 7.01
N MET A 106 7.61 -1.02 7.73
CA MET A 106 6.42 -0.19 7.73
C MET A 106 6.68 1.18 7.18
N GLY A 107 5.84 1.63 6.27
CA GLY A 107 5.92 3.02 5.82
C GLY A 107 5.45 4.01 6.90
N ASN A 108 5.74 5.30 6.73
CA ASN A 108 5.29 6.30 7.70
C ASN A 108 3.82 6.66 7.54
N GLY A 109 3.23 6.21 6.44
CA GLY A 109 1.81 6.42 6.19
C GLY A 109 1.53 7.60 5.29
N THR A 110 0.46 7.48 4.50
CA THR A 110 -0.01 8.55 3.65
C THR A 110 -1.35 9.00 4.19
N GLN A 111 -1.45 10.26 4.59
CA GLN A 111 -2.72 10.80 5.03
C GLN A 111 -3.61 11.01 3.81
N ILE A 112 -4.76 10.35 3.79
CA ILE A 112 -5.71 10.52 2.70
C ILE A 112 -6.91 11.35 3.17
N TYR A 113 -7.08 12.53 2.58
CA TYR A 113 -8.24 13.34 2.89
C TYR A 113 -9.36 13.06 1.90
N VAL A 114 -10.54 12.74 2.42
CA VAL A 114 -11.70 12.47 1.59
C VAL A 114 -12.82 13.43 1.94
N ILE A 115 -13.22 14.24 0.97
CA ILE A 115 -14.34 15.17 1.15
C ILE A 115 -15.50 14.67 0.31
N ASP A 116 -16.70 14.63 0.89
CA ASP A 116 -17.87 14.12 0.19
C ASP A 116 -18.33 15.06 -0.93
NA NA B . -8.82 -5.08 -6.80
#